data_7FCM
#
_entry.id   7FCM
#
_cell.length_a   75.520
_cell.length_b   78.560
_cell.length_c   89.230
_cell.angle_alpha   90.000
_cell.angle_beta   90.000
_cell.angle_gamma   90.000
#
_symmetry.space_group_name_H-M   'P 2 21 21'
#
loop_
_entity.id
_entity.type
_entity.pdbx_description
1 polymer 'Enoyl-[acyl-carrier-protein] reductase [NADH]'
2 non-polymer NICOTINAMIDE-ADENINE-DINUCLEOTIDE
3 non-polymer TRICLOSAN
4 non-polymer 'CALCIUM ION'
5 water water
#
_entity_poly.entity_id   1
_entity_poly.type   'polypeptide(L)'
_entity_poly.pdbx_seq_one_letter_code
;HHHHHHENLYFQSMLLKGQRFVVTGIASKLSIAWAIAESLHREGAQLILTYPNDKIKKRVDMAAEAFDAVAVIECDVGSD
ESIQVCFDEIAKHWGVGDDKGIDGIVHAIGFAPADQLDGDFTQATTREGSQIAHDISSYSFVALAKAGRELLAARQGSLL
TLTYEGSISVLPNYNVMGMAKASLEASVRYLASSLGGEGIRVNAISAGPIRTLAASGIKSFRRMLDVSEKIAPLQRNVSQ
EEVGNAALFLLSPWASGITGEILFVDAGFNTVAISEKIMMMAGDGEQ
;
_entity_poly.pdbx_strand_id   A,B
#
loop_
_chem_comp.id
_chem_comp.type
_chem_comp.name
_chem_comp.formula
CA non-polymer 'CALCIUM ION' 'Ca 2'
NAD non-polymer NICOTINAMIDE-ADENINE-DINUCLEOTIDE 'C21 H27 N7 O14 P2'
TCL non-polymer TRICLOSAN 'C12 H7 Cl3 O2'
#
# COMPACT_ATOMS: atom_id res chain seq x y z
N GLN A 12 -8.86 15.56 -8.93
CA GLN A 12 -10.08 15.48 -9.77
C GLN A 12 -9.77 14.65 -11.02
N SER A 13 -9.56 13.33 -10.87
CA SER A 13 -9.57 12.44 -12.02
C SER A 13 -10.95 11.76 -12.03
N MET A 14 -11.15 10.67 -12.76
CA MET A 14 -12.51 10.17 -12.71
C MET A 14 -12.49 8.67 -12.44
N LEU A 15 -11.76 8.30 -11.39
CA LEU A 15 -11.36 6.91 -11.23
C LEU A 15 -12.50 6.09 -10.62
N LEU A 16 -13.45 6.75 -9.94
CA LEU A 16 -14.52 5.97 -9.32
C LEU A 16 -15.89 6.32 -9.93
N LYS A 17 -15.89 6.61 -11.24
CA LYS A 17 -17.12 6.94 -11.96
C LYS A 17 -18.15 5.81 -11.81
N GLY A 18 -19.33 6.16 -11.27
CA GLY A 18 -20.42 5.23 -11.12
C GLY A 18 -20.18 4.18 -10.03
N GLN A 19 -19.21 4.42 -9.12
CA GLN A 19 -18.96 3.45 -8.06
C GLN A 19 -19.60 3.95 -6.77
N ARG A 20 -19.94 3.02 -5.88
CA ARG A 20 -20.72 3.36 -4.71
C ARG A 20 -19.98 2.88 -3.46
N PHE A 21 -19.98 3.70 -2.41
CA PHE A 21 -19.28 3.36 -1.18
C PHE A 21 -20.11 3.75 0.03
N VAL A 22 -20.09 2.89 1.05
CA VAL A 22 -20.63 3.21 2.36
C VAL A 22 -19.47 3.73 3.21
N VAL A 23 -19.68 4.86 3.91
CA VAL A 23 -18.67 5.50 4.70
C VAL A 23 -19.17 5.74 6.12
N THR A 24 -18.64 4.98 7.08
CA THR A 24 -18.89 5.17 8.50
C THR A 24 -17.84 6.13 9.10
N GLY A 25 -18.07 6.58 10.34
CA GLY A 25 -17.04 7.22 11.12
C GLY A 25 -16.86 8.74 10.89
N ILE A 26 -17.74 9.37 10.11
CA ILE A 26 -17.71 10.84 10.05
C ILE A 26 -18.28 11.39 11.36
N ALA A 27 -17.48 12.20 12.08
CA ALA A 27 -17.95 12.86 13.30
C ALA A 27 -17.80 14.39 13.22
N SER A 28 -16.84 14.86 12.41
CA SER A 28 -16.53 16.27 12.26
C SER A 28 -15.73 16.43 10.99
N LYS A 29 -15.37 17.68 10.68
CA LYS A 29 -14.67 17.96 9.43
C LYS A 29 -13.26 17.42 9.54
N LEU A 30 -12.85 17.09 10.77
CA LEU A 30 -11.50 16.62 11.06
C LEU A 30 -11.39 15.09 10.96
N SER A 31 -12.53 14.38 10.93
CA SER A 31 -12.59 12.93 10.86
C SER A 31 -11.77 12.44 9.68
N ILE A 32 -11.00 11.37 9.88
CA ILE A 32 -10.31 10.80 8.73
C ILE A 32 -11.37 10.41 7.68
N ALA A 33 -12.53 9.90 8.15
CA ALA A 33 -13.59 9.45 7.27
C ALA A 33 -14.14 10.62 6.43
N TRP A 34 -14.11 11.84 7.00
CA TRP A 34 -14.49 12.99 6.20
C TRP A 34 -13.63 13.06 4.95
N ALA A 35 -12.29 13.05 5.11
CA ALA A 35 -11.38 13.14 3.97
C ALA A 35 -11.49 11.94 3.02
N ILE A 36 -11.77 10.74 3.56
CA ILE A 36 -11.97 9.59 2.70
C ILE A 36 -13.22 9.84 1.84
N ALA A 37 -14.31 10.34 2.45
CA ALA A 37 -15.52 10.64 1.69
C ALA A 37 -15.18 11.64 0.58
N GLU A 38 -14.43 12.68 0.95
CA GLU A 38 -14.05 13.76 0.08
C GLU A 38 -13.25 13.24 -1.11
N SER A 39 -12.34 12.29 -0.85
CA SER A 39 -11.52 11.72 -1.91
C SER A 39 -12.38 10.91 -2.87
N LEU A 40 -13.32 10.15 -2.31
CA LEU A 40 -14.13 9.25 -3.13
C LEU A 40 -15.06 10.10 -4.02
N HIS A 41 -15.69 11.12 -3.41
CA HIS A 41 -16.59 12.06 -4.08
C HIS A 41 -15.87 12.81 -5.19
N ARG A 42 -14.68 13.34 -4.86
CA ARG A 42 -13.84 14.05 -5.80
C ARG A 42 -13.66 13.21 -7.07
N GLU A 43 -13.59 11.89 -6.90
CA GLU A 43 -13.22 11.00 -7.99
C GLU A 43 -14.47 10.43 -8.66
N GLY A 44 -15.64 10.89 -8.19
CA GLY A 44 -16.88 10.70 -8.92
C GLY A 44 -17.71 9.54 -8.39
N ALA A 45 -17.42 9.07 -7.17
CA ALA A 45 -18.20 8.02 -6.56
C ALA A 45 -19.41 8.63 -5.87
N GLN A 46 -20.42 7.78 -5.67
CA GLN A 46 -21.59 8.13 -4.88
C GLN A 46 -21.43 7.51 -3.50
N LEU A 47 -22.00 8.17 -2.48
CA LEU A 47 -21.73 7.86 -1.09
C LEU A 47 -23.02 7.66 -0.32
N ILE A 48 -23.02 6.66 0.55
CA ILE A 48 -23.95 6.63 1.67
C ILE A 48 -23.15 6.80 2.95
N LEU A 49 -23.64 7.66 3.84
CA LEU A 49 -22.94 8.08 5.04
C LEU A 49 -23.74 7.57 6.23
N THR A 50 -23.06 7.10 7.29
CA THR A 50 -23.78 6.61 8.45
C THR A 50 -23.43 7.47 9.67
N TYR A 51 -24.30 7.39 10.69
CA TYR A 51 -24.11 8.12 11.94
C TYR A 51 -24.59 7.21 13.07
N PRO A 52 -23.91 7.23 14.24
CA PRO A 52 -24.33 6.40 15.36
C PRO A 52 -25.43 6.95 16.27
N ASN A 53 -25.66 8.27 16.26
CA ASN A 53 -26.71 8.88 17.08
C ASN A 53 -27.03 10.28 16.58
N ASP A 54 -27.97 10.96 17.26
CA ASP A 54 -28.50 12.22 16.77
C ASP A 54 -27.47 13.34 16.90
N LYS A 55 -26.71 13.36 18.00
CA LYS A 55 -25.71 14.40 18.15
C LYS A 55 -24.78 14.36 16.93
N ILE A 56 -24.30 13.15 16.56
CA ILE A 56 -23.33 13.00 15.48
C ILE A 56 -23.99 13.20 14.10
N LYS A 57 -25.32 13.01 14.02
CA LYS A 57 -26.04 13.19 12.76
C LYS A 57 -25.87 14.61 12.23
N LYS A 58 -25.87 15.60 13.13
CA LYS A 58 -25.68 17.02 12.82
C LYS A 58 -24.48 17.20 11.89
N ARG A 59 -23.39 16.48 12.19
CA ARG A 59 -22.16 16.64 11.45
C ARG A 59 -22.15 15.76 10.19
N VAL A 60 -22.80 14.60 10.27
CA VAL A 60 -22.89 13.75 9.09
C VAL A 60 -23.75 14.45 8.02
N ASP A 61 -24.81 15.16 8.45
CA ASP A 61 -25.64 15.92 7.54
C ASP A 61 -24.84 16.99 6.79
N MET A 62 -23.93 17.70 7.47
CA MET A 62 -23.07 18.68 6.81
C MET A 62 -22.25 17.98 5.72
N ALA A 63 -21.76 16.76 6.00
CA ALA A 63 -20.97 16.01 5.05
C ALA A 63 -21.83 15.53 3.90
N ALA A 64 -23.07 15.15 4.21
CA ALA A 64 -24.05 14.76 3.20
C ALA A 64 -24.30 15.90 2.19
N GLU A 65 -24.42 17.14 2.70
CA GLU A 65 -24.62 18.32 1.87
C GLU A 65 -23.39 18.54 0.98
N ALA A 66 -22.18 18.53 1.56
CA ALA A 66 -20.95 18.81 0.84
C ALA A 66 -20.66 17.73 -0.21
N PHE A 67 -21.11 16.49 0.00
CA PHE A 67 -20.70 15.43 -0.92
C PHE A 67 -21.90 14.88 -1.69
N ASP A 68 -23.08 15.47 -1.46
CA ASP A 68 -24.30 15.09 -2.13
C ASP A 68 -24.57 13.60 -1.89
N ALA A 69 -24.56 13.21 -0.62
CA ALA A 69 -24.73 11.79 -0.29
C ALA A 69 -26.06 11.28 -0.83
N VAL A 70 -26.07 10.03 -1.26
CA VAL A 70 -27.29 9.37 -1.70
C VAL A 70 -28.25 9.15 -0.52
N ALA A 71 -27.72 8.81 0.66
CA ALA A 71 -28.51 8.72 1.88
C ALA A 71 -27.62 8.93 3.09
N VAL A 72 -28.26 9.17 4.23
CA VAL A 72 -27.64 9.32 5.54
C VAL A 72 -28.43 8.40 6.45
N ILE A 73 -27.82 7.30 6.91
CA ILE A 73 -28.54 6.24 7.60
C ILE A 73 -27.89 6.00 8.97
N GLU A 74 -28.72 5.60 9.93
CA GLU A 74 -28.26 5.33 11.27
C GLU A 74 -27.53 3.99 11.27
N CYS A 75 -26.39 3.94 11.98
CA CYS A 75 -25.63 2.72 12.17
C CYS A 75 -24.79 2.86 13.43
N ASP A 76 -25.33 2.32 14.52
CA ASP A 76 -24.60 2.17 15.76
C ASP A 76 -24.06 0.74 15.77
N VAL A 77 -22.74 0.60 15.61
CA VAL A 77 -22.19 -0.73 15.34
C VAL A 77 -22.20 -1.58 16.61
N GLY A 78 -22.70 -1.03 17.72
CA GLY A 78 -22.94 -1.77 18.96
C GLY A 78 -24.20 -2.63 18.91
N SER A 79 -25.09 -2.37 17.94
CA SER A 79 -26.35 -3.09 17.86
C SER A 79 -26.46 -3.90 16.57
N ASP A 80 -26.72 -5.20 16.70
CA ASP A 80 -27.02 -6.06 15.55
C ASP A 80 -28.24 -5.52 14.80
N GLU A 81 -29.27 -5.11 15.55
CA GLU A 81 -30.48 -4.54 14.95
C GLU A 81 -30.14 -3.31 14.12
N SER A 82 -29.37 -2.40 14.72
CA SER A 82 -29.02 -1.16 14.05
C SER A 82 -28.28 -1.41 12.73
N ILE A 83 -27.34 -2.37 12.74
CA ILE A 83 -26.57 -2.69 11.54
C ILE A 83 -27.47 -3.35 10.50
N GLN A 84 -28.27 -4.32 10.94
CA GLN A 84 -29.16 -5.05 10.04
C GLN A 84 -30.11 -4.05 9.38
N VAL A 85 -30.68 -3.14 10.16
CA VAL A 85 -31.62 -2.16 9.61
C VAL A 85 -30.87 -1.24 8.64
N CYS A 86 -29.65 -0.83 9.03
CA CYS A 86 -28.87 0.09 8.22
C CYS A 86 -28.62 -0.51 6.83
N PHE A 87 -28.22 -1.79 6.80
CA PHE A 87 -27.95 -2.43 5.51
C PHE A 87 -29.23 -2.75 4.77
N ASP A 88 -30.33 -2.74 5.52
CA ASP A 88 -31.63 -2.83 4.86
C ASP A 88 -31.84 -1.61 3.97
N GLU A 89 -31.81 -0.44 4.61
CA GLU A 89 -31.93 0.84 3.94
C GLU A 89 -30.95 0.94 2.78
N ILE A 90 -29.71 0.46 2.97
CA ILE A 90 -28.72 0.63 1.91
C ILE A 90 -29.15 -0.22 0.72
N ALA A 91 -29.71 -1.40 1.01
CA ALA A 91 -30.14 -2.31 -0.06
C ALA A 91 -31.29 -1.71 -0.88
N LYS A 92 -32.18 -0.94 -0.23
CA LYS A 92 -33.23 -0.22 -0.92
C LYS A 92 -32.61 0.65 -2.02
N HIS A 93 -31.62 1.46 -1.67
CA HIS A 93 -30.95 2.32 -2.63
C HIS A 93 -30.11 1.50 -3.61
N TRP A 94 -29.27 0.58 -3.13
CA TRP A 94 -28.17 0.09 -3.95
C TRP A 94 -28.23 -1.42 -4.22
N GLY A 95 -29.24 -2.10 -3.67
CA GLY A 95 -29.33 -3.55 -3.80
C GLY A 95 -30.29 -4.02 -4.90
N VAL A 96 -30.91 -3.08 -5.63
CA VAL A 96 -32.03 -3.43 -6.49
C VAL A 96 -31.75 -3.00 -7.92
N GLY A 97 -32.34 -3.75 -8.86
CA GLY A 97 -32.32 -3.35 -10.25
C GLY A 97 -31.03 -3.80 -10.94
N ASP A 98 -30.75 -3.16 -12.07
CA ASP A 98 -29.78 -3.59 -13.07
C ASP A 98 -28.37 -3.61 -12.51
N ASP A 99 -28.03 -2.64 -11.66
CA ASP A 99 -26.61 -2.36 -11.43
C ASP A 99 -26.26 -2.60 -9.96
N LYS A 100 -26.91 -3.58 -9.34
CA LYS A 100 -26.92 -3.70 -7.90
C LYS A 100 -25.55 -4.00 -7.32
N GLY A 101 -25.40 -3.65 -6.04
CA GLY A 101 -24.21 -3.91 -5.25
C GLY A 101 -23.51 -2.63 -4.78
N ILE A 102 -22.45 -2.82 -4.00
CA ILE A 102 -21.64 -1.70 -3.56
C ILE A 102 -20.17 -2.02 -3.86
N ASP A 103 -19.38 -0.97 -4.11
CA ASP A 103 -17.97 -1.13 -4.45
C ASP A 103 -17.10 -1.13 -3.20
N GLY A 104 -17.60 -0.57 -2.10
CA GLY A 104 -16.81 -0.63 -0.89
C GLY A 104 -17.55 -0.16 0.35
N ILE A 105 -17.06 -0.63 1.51
CA ILE A 105 -17.49 -0.20 2.83
C ILE A 105 -16.25 0.28 3.59
N VAL A 106 -16.32 1.50 4.14
CA VAL A 106 -15.23 2.10 4.89
C VAL A 106 -15.60 2.06 6.36
N HIS A 107 -14.82 1.26 7.09
CA HIS A 107 -14.91 1.19 8.54
C HIS A 107 -13.91 2.18 9.16
N ALA A 108 -14.43 3.23 9.82
CA ALA A 108 -13.57 4.23 10.42
C ALA A 108 -14.08 4.56 11.82
N ILE A 109 -14.13 3.52 12.65
CA ILE A 109 -14.79 3.55 13.94
C ILE A 109 -13.85 2.91 14.96
N GLY A 110 -13.59 3.66 16.02
CA GLY A 110 -12.89 3.18 17.18
C GLY A 110 -13.62 3.72 18.41
N PHE A 111 -13.67 2.89 19.46
CA PHE A 111 -14.08 3.35 20.77
C PHE A 111 -13.57 2.39 21.85
N ALA A 112 -13.04 2.98 22.94
CA ALA A 112 -12.94 2.33 24.23
C ALA A 112 -13.34 3.36 25.30
N PRO A 113 -13.96 2.98 26.44
CA PRO A 113 -14.28 3.94 27.49
C PRO A 113 -13.02 4.72 27.87
N ALA A 114 -13.15 6.05 28.04
CA ALA A 114 -12.01 6.96 28.23
C ALA A 114 -11.04 6.52 29.33
N ASP A 115 -11.55 5.88 30.40
CA ASP A 115 -10.74 5.51 31.55
C ASP A 115 -9.66 4.50 31.17
N GLN A 116 -9.96 3.61 30.20
CA GLN A 116 -9.02 2.63 29.68
C GLN A 116 -7.72 3.27 29.16
N LEU A 117 -7.78 4.52 28.69
CA LEU A 117 -6.63 5.12 28.00
C LEU A 117 -5.99 6.22 28.87
N ASP A 118 -6.27 6.20 30.18
CA ASP A 118 -5.72 7.19 31.10
C ASP A 118 -4.75 6.49 32.06
N GLY A 119 -3.47 6.48 31.71
CA GLY A 119 -2.42 6.09 32.64
C GLY A 119 -2.01 4.63 32.48
N ASP A 120 -1.35 4.13 33.54
CA ASP A 120 -0.77 2.79 33.58
C ASP A 120 -1.72 1.73 33.04
N PHE A 121 -1.22 0.95 32.08
CA PHE A 121 -2.02 -0.05 31.36
C PHE A 121 -2.72 -1.06 32.28
N THR A 122 -1.96 -1.68 33.20
CA THR A 122 -2.46 -2.74 34.06
C THR A 122 -3.48 -2.21 35.06
N GLN A 123 -3.19 -1.03 35.61
CA GLN A 123 -4.13 -0.33 36.48
C GLN A 123 -5.41 0.01 35.71
N ALA A 124 -5.26 0.62 34.52
CA ALA A 124 -6.38 1.26 33.83
C ALA A 124 -7.30 0.25 33.12
N THR A 125 -6.80 -0.93 32.73
CA THR A 125 -7.63 -1.84 31.93
C THR A 125 -8.65 -2.59 32.78
N THR A 126 -9.91 -2.66 32.33
CA THR A 126 -10.94 -3.39 33.08
C THR A 126 -11.63 -4.42 32.16
N ARG A 127 -12.24 -5.42 32.79
CA ARG A 127 -12.92 -6.46 32.02
C ARG A 127 -13.94 -5.85 31.05
N GLU A 128 -14.77 -4.93 31.54
CA GLU A 128 -15.77 -4.34 30.68
C GLU A 128 -15.18 -3.35 29.66
N GLY A 129 -14.15 -2.60 30.08
CA GLY A 129 -13.46 -1.70 29.17
C GLY A 129 -12.96 -2.46 27.94
N SER A 130 -12.35 -3.63 28.20
CA SER A 130 -11.80 -4.51 27.17
C SER A 130 -12.89 -5.04 26.26
N GLN A 131 -13.98 -5.51 26.89
CA GLN A 131 -15.16 -6.01 26.21
C GLN A 131 -15.65 -4.98 25.21
N ILE A 132 -15.79 -3.72 25.66
CA ILE A 132 -16.36 -2.67 24.82
C ILE A 132 -15.36 -2.31 23.73
N ALA A 133 -14.07 -2.15 24.12
CA ALA A 133 -13.06 -1.78 23.13
C ALA A 133 -13.06 -2.77 21.96
N HIS A 134 -13.12 -4.08 22.25
CA HIS A 134 -13.02 -5.08 21.20
C HIS A 134 -14.29 -5.12 20.37
N ASP A 135 -15.42 -4.95 21.08
CA ASP A 135 -16.72 -5.02 20.45
C ASP A 135 -16.87 -3.88 19.44
N ILE A 136 -16.58 -2.64 19.87
CA ILE A 136 -16.82 -1.48 19.02
C ILE A 136 -15.70 -1.32 17.99
N SER A 137 -14.44 -1.63 18.39
CA SER A 137 -13.32 -1.27 17.53
C SER A 137 -12.91 -2.41 16.58
N SER A 138 -13.30 -3.65 16.90
CA SER A 138 -12.80 -4.79 16.14
C SER A 138 -13.92 -5.66 15.57
N TYR A 139 -14.77 -6.26 16.44
CA TYR A 139 -15.90 -7.05 15.97
C TYR A 139 -16.78 -6.26 14.98
N SER A 140 -16.97 -4.97 15.23
CA SER A 140 -17.80 -4.14 14.37
C SER A 140 -17.36 -4.23 12.91
N PHE A 141 -16.06 -4.45 12.66
CA PHE A 141 -15.61 -4.58 11.27
C PHE A 141 -16.19 -5.85 10.64
N VAL A 142 -16.15 -6.96 11.38
CA VAL A 142 -16.74 -8.19 10.84
C VAL A 142 -18.26 -8.09 10.74
N ALA A 143 -18.89 -7.35 11.68
CA ALA A 143 -20.32 -7.09 11.65
C ALA A 143 -20.69 -6.43 10.32
N LEU A 144 -19.95 -5.38 9.93
CA LEU A 144 -20.17 -4.74 8.65
C LEU A 144 -19.97 -5.70 7.47
N ALA A 145 -18.95 -6.56 7.56
CA ALA A 145 -18.67 -7.48 6.47
C ALA A 145 -19.80 -8.49 6.33
N LYS A 146 -20.30 -8.98 7.47
CA LYS A 146 -21.45 -9.89 7.48
C LYS A 146 -22.66 -9.25 6.81
N ALA A 147 -23.03 -8.03 7.22
CA ALA A 147 -24.20 -7.37 6.66
C ALA A 147 -23.98 -6.98 5.21
N GLY A 148 -22.73 -6.74 4.80
CA GLY A 148 -22.46 -6.19 3.48
C GLY A 148 -22.07 -7.25 2.44
N ARG A 149 -21.83 -8.48 2.88
CA ARG A 149 -21.28 -9.52 2.03
C ARG A 149 -21.92 -9.53 0.64
N GLU A 150 -23.26 -9.62 0.59
CA GLU A 150 -23.95 -9.87 -0.68
C GLU A 150 -23.83 -8.63 -1.56
N LEU A 151 -24.04 -7.45 -0.97
CA LEU A 151 -23.87 -6.20 -1.70
C LEU A 151 -22.46 -6.09 -2.27
N LEU A 152 -21.45 -6.50 -1.49
CA LEU A 152 -20.07 -6.41 -1.93
C LEU A 152 -19.80 -7.38 -3.06
N ALA A 153 -20.29 -8.62 -2.91
CA ALA A 153 -20.01 -9.69 -3.86
C ALA A 153 -20.59 -9.34 -5.24
N ALA A 154 -21.72 -8.64 -5.26
CA ALA A 154 -22.38 -8.29 -6.50
C ALA A 154 -21.47 -7.42 -7.37
N ARG A 155 -20.67 -6.54 -6.74
CA ARG A 155 -19.76 -5.70 -7.50
C ARG A 155 -18.29 -6.11 -7.31
N GLN A 156 -18.03 -7.20 -6.59
CA GLN A 156 -16.66 -7.54 -6.21
C GLN A 156 -15.96 -6.35 -5.54
N GLY A 157 -16.63 -5.75 -4.56
CA GLY A 157 -16.11 -4.62 -3.81
C GLY A 157 -15.06 -5.03 -2.76
N SER A 158 -14.66 -4.07 -1.92
CA SER A 158 -13.71 -4.35 -0.86
C SER A 158 -14.13 -3.64 0.42
N LEU A 159 -13.58 -4.13 1.52
CA LEU A 159 -13.70 -3.50 2.83
C LEU A 159 -12.37 -2.80 3.17
N LEU A 160 -12.46 -1.67 3.86
CA LEU A 160 -11.29 -0.95 4.37
C LEU A 160 -11.56 -0.54 5.81
N THR A 161 -10.58 -0.82 6.69
CA THR A 161 -10.63 -0.29 8.05
C THR A 161 -9.43 0.63 8.31
N LEU A 162 -9.43 1.29 9.47
CA LEU A 162 -8.27 2.10 9.84
C LEU A 162 -7.68 1.53 11.12
N THR A 163 -6.35 1.39 11.11
CA THR A 163 -5.67 0.90 12.30
C THR A 163 -4.58 1.89 12.70
N TYR A 164 -3.84 1.50 13.75
CA TYR A 164 -2.78 2.32 14.29
C TYR A 164 -1.63 1.43 14.76
N GLU A 165 -0.41 1.94 14.66
CA GLU A 165 0.79 1.23 15.05
C GLU A 165 0.72 0.68 16.49
N GLY A 166 -0.16 1.29 17.31
CA GLY A 166 -0.39 0.85 18.68
C GLY A 166 -0.65 -0.65 18.80
N SER A 167 -1.09 -1.28 17.68
CA SER A 167 -1.36 -2.70 17.63
C SER A 167 -0.08 -3.54 17.82
N ILE A 168 1.04 -3.08 17.25
CA ILE A 168 2.26 -3.89 17.16
C ILE A 168 3.39 -3.28 18.00
N SER A 169 3.33 -1.98 18.28
CA SER A 169 4.28 -1.29 19.13
C SER A 169 3.53 -0.54 20.24
N VAL A 170 4.19 -0.32 21.37
CA VAL A 170 3.57 0.36 22.49
C VAL A 170 3.68 1.86 22.30
N LEU A 171 2.53 2.53 22.46
CA LEU A 171 2.47 3.99 22.55
C LEU A 171 1.78 4.34 23.86
N PRO A 172 2.25 5.35 24.60
CA PRO A 172 1.72 5.60 25.95
C PRO A 172 0.22 5.81 25.85
N ASN A 173 -0.52 5.20 26.79
CA ASN A 173 -1.94 5.42 27.00
C ASN A 173 -2.82 4.70 25.98
N TYR A 174 -2.24 4.21 24.88
CA TYR A 174 -3.08 3.60 23.85
C TYR A 174 -3.79 2.36 24.37
N ASN A 175 -3.08 1.57 25.18
CA ASN A 175 -3.63 0.56 26.06
C ASN A 175 -4.56 -0.40 25.33
N VAL A 176 -5.77 -0.54 25.86
CA VAL A 176 -6.67 -1.56 25.35
C VAL A 176 -7.03 -1.30 23.87
N MET A 177 -6.89 -0.05 23.38
CA MET A 177 -7.11 0.19 21.97
C MET A 177 -6.05 -0.53 21.13
N GLY A 178 -4.84 -0.68 21.69
CA GLY A 178 -3.78 -1.50 21.08
C GLY A 178 -4.22 -2.96 20.94
N MET A 179 -4.82 -3.52 22.00
CA MET A 179 -5.34 -4.88 21.96
C MET A 179 -6.45 -4.96 20.90
N ALA A 180 -7.36 -3.98 20.87
CA ALA A 180 -8.46 -3.99 19.89
C ALA A 180 -7.94 -3.88 18.45
N LYS A 181 -6.92 -3.04 18.22
CA LYS A 181 -6.41 -2.80 16.86
C LYS A 181 -5.68 -4.05 16.35
N ALA A 182 -4.98 -4.73 17.26
CA ALA A 182 -4.31 -5.97 16.92
C ALA A 182 -5.35 -7.01 16.50
N SER A 183 -6.45 -7.07 17.28
CA SER A 183 -7.60 -7.93 17.00
C SER A 183 -8.20 -7.56 15.65
N LEU A 184 -8.39 -6.25 15.44
CA LEU A 184 -8.92 -5.76 14.19
C LEU A 184 -8.07 -6.24 13.00
N GLU A 185 -6.75 -6.15 13.15
CA GLU A 185 -5.87 -6.47 12.04
C GLU A 185 -5.91 -7.97 11.74
N ALA A 186 -6.01 -8.81 12.79
CA ALA A 186 -6.23 -10.23 12.56
C ALA A 186 -7.51 -10.43 11.74
N SER A 187 -8.58 -9.66 12.05
CA SER A 187 -9.84 -9.84 11.33
C SER A 187 -9.71 -9.46 9.84
N VAL A 188 -8.89 -8.45 9.52
CA VAL A 188 -8.58 -8.09 8.15
C VAL A 188 -8.13 -9.34 7.41
N ARG A 189 -7.26 -10.13 8.05
CA ARG A 189 -6.66 -11.30 7.41
C ARG A 189 -7.71 -12.41 7.29
N TYR A 190 -8.49 -12.66 8.36
CA TYR A 190 -9.50 -13.72 8.36
C TYR A 190 -10.59 -13.40 7.35
N LEU A 191 -11.08 -12.15 7.34
CA LEU A 191 -12.07 -11.74 6.36
C LEU A 191 -11.52 -11.88 4.94
N ALA A 192 -10.23 -11.55 4.73
CA ALA A 192 -9.68 -11.60 3.37
C ALA A 192 -9.74 -13.04 2.87
N SER A 193 -9.36 -13.96 3.78
CA SER A 193 -9.31 -15.37 3.45
C SER A 193 -10.72 -15.88 3.18
N SER A 194 -11.68 -15.42 3.98
CA SER A 194 -13.07 -15.84 3.93
C SER A 194 -13.77 -15.31 2.68
N LEU A 195 -13.46 -14.07 2.28
CA LEU A 195 -14.27 -13.41 1.27
C LEU A 195 -13.58 -13.32 -0.07
N GLY A 196 -12.31 -13.76 -0.11
CA GLY A 196 -11.53 -13.55 -1.32
C GLY A 196 -12.08 -14.37 -2.48
N GLY A 197 -12.70 -15.52 -2.18
CA GLY A 197 -13.16 -16.45 -3.19
C GLY A 197 -14.37 -15.89 -3.92
N GLU A 198 -15.06 -14.94 -3.27
CA GLU A 198 -16.13 -14.17 -3.87
C GLU A 198 -15.63 -12.87 -4.50
N GLY A 199 -14.31 -12.69 -4.59
CA GLY A 199 -13.73 -11.54 -5.26
C GLY A 199 -13.79 -10.29 -4.40
N ILE A 200 -14.02 -10.45 -3.09
CA ILE A 200 -14.04 -9.32 -2.18
C ILE A 200 -12.65 -9.19 -1.51
N ARG A 201 -12.07 -7.99 -1.57
CA ARG A 201 -10.77 -7.69 -0.98
C ARG A 201 -11.01 -7.04 0.38
N VAL A 202 -10.04 -7.21 1.29
CA VAL A 202 -10.13 -6.65 2.65
C VAL A 202 -8.76 -6.13 3.08
N ASN A 203 -8.69 -4.84 3.44
CA ASN A 203 -7.43 -4.15 3.66
C ASN A 203 -7.56 -3.18 4.83
N ALA A 204 -6.42 -2.67 5.32
CA ALA A 204 -6.42 -1.64 6.36
C ALA A 204 -5.38 -0.58 6.02
N ILE A 205 -5.65 0.64 6.52
CA ILE A 205 -4.60 1.64 6.53
C ILE A 205 -4.20 1.86 7.97
N SER A 206 -2.88 1.83 8.22
CA SER A 206 -2.34 2.24 9.50
C SER A 206 -1.91 3.70 9.39
N ALA A 207 -2.75 4.63 9.87
CA ALA A 207 -2.47 6.05 9.75
C ALA A 207 -1.53 6.49 10.88
N GLY A 208 -0.61 7.41 10.56
CA GLY A 208 0.11 8.12 11.61
C GLY A 208 -0.85 8.93 12.48
N PRO A 209 -0.37 9.61 13.56
CA PRO A 209 -1.26 10.45 14.39
C PRO A 209 -1.73 11.68 13.63
N ILE A 210 -3.04 11.98 13.78
CA ILE A 210 -3.71 13.09 13.13
C ILE A 210 -4.68 13.68 14.14
N ARG A 211 -4.74 15.02 14.23
CA ARG A 211 -5.67 15.72 15.13
C ARG A 211 -7.12 15.47 14.71
N THR A 212 -7.82 14.59 15.44
CA THR A 212 -9.23 14.34 15.17
C THR A 212 -9.92 14.39 16.53
N LEU A 213 -11.24 14.30 16.51
CA LEU A 213 -11.99 14.40 17.74
C LEU A 213 -11.49 13.35 18.71
N ALA A 214 -11.47 12.07 18.28
CA ALA A 214 -11.04 10.97 19.15
C ALA A 214 -9.59 11.18 19.57
N ALA A 215 -8.73 11.54 18.61
CA ALA A 215 -7.31 11.73 18.89
C ALA A 215 -7.12 12.71 20.06
N SER A 216 -7.83 13.85 20.01
CA SER A 216 -7.77 14.93 20.99
C SER A 216 -8.00 14.41 22.40
N GLY A 217 -8.74 13.30 22.51
CA GLY A 217 -9.17 12.77 23.78
C GLY A 217 -8.08 12.01 24.53
N ILE A 218 -6.98 11.65 23.85
CA ILE A 218 -5.95 10.80 24.45
C ILE A 218 -4.89 11.67 25.14
N LYS A 219 -4.64 11.39 26.42
CA LYS A 219 -3.57 12.03 27.19
C LYS A 219 -2.28 11.97 26.36
N SER A 220 -1.59 13.13 26.27
CA SER A 220 -0.28 13.22 25.63
C SER A 220 -0.33 13.01 24.12
N PHE A 221 -1.52 12.97 23.51
CA PHE A 221 -1.63 12.89 22.06
C PHE A 221 -0.91 14.06 21.38
N ARG A 222 -1.03 15.25 21.95
CA ARG A 222 -0.39 16.43 21.41
C ARG A 222 1.12 16.23 21.39
N ARG A 223 1.66 15.66 22.48
CA ARG A 223 3.07 15.36 22.60
C ARG A 223 3.47 14.27 21.61
N MET A 224 2.62 13.22 21.46
CA MET A 224 2.74 12.18 20.46
C MET A 224 2.93 12.82 19.09
N LEU A 225 2.10 13.82 18.78
CA LEU A 225 2.14 14.50 17.51
C LEU A 225 3.51 15.15 17.32
N ASP A 226 4.03 15.76 18.39
CA ASP A 226 5.30 16.49 18.35
C ASP A 226 6.46 15.52 18.14
N VAL A 227 6.49 14.46 18.94
CA VAL A 227 7.56 13.48 18.87
C VAL A 227 7.59 12.83 17.47
N SER A 228 6.41 12.42 16.94
CA SER A 228 6.27 11.75 15.66
C SER A 228 6.92 12.56 14.55
N GLU A 229 6.64 13.86 14.52
CA GLU A 229 7.20 14.78 13.54
C GLU A 229 8.73 14.74 13.56
N LYS A 230 9.32 14.45 14.72
CA LYS A 230 10.76 14.43 14.87
C LYS A 230 11.35 13.03 14.64
N ILE A 231 10.48 12.02 14.50
CA ILE A 231 10.94 10.66 14.25
C ILE A 231 10.69 10.31 12.78
N ALA A 232 9.61 10.85 12.20
CA ALA A 232 9.15 10.38 10.90
C ALA A 232 10.14 10.78 9.81
N PRO A 233 10.56 9.87 8.92
CA PRO A 233 11.42 10.23 7.80
C PRO A 233 11.06 11.51 7.02
N LEU A 234 9.77 11.81 6.87
CA LEU A 234 9.41 12.99 6.10
C LEU A 234 9.45 14.26 6.95
N GLN A 235 9.78 14.12 8.24
CA GLN A 235 9.95 15.23 9.17
C GLN A 235 8.66 16.02 9.31
N ARG A 236 7.54 15.32 9.22
CA ARG A 236 6.22 15.91 9.41
C ARG A 236 5.22 14.79 9.67
N ASN A 237 4.01 15.18 10.09
CA ASN A 237 2.89 14.29 10.21
C ASN A 237 2.12 14.24 8.88
N VAL A 238 1.18 13.29 8.78
CA VAL A 238 0.36 13.18 7.58
C VAL A 238 -0.93 13.94 7.85
N SER A 239 -1.58 14.38 6.77
CA SER A 239 -2.89 14.98 6.85
C SER A 239 -3.96 13.95 6.53
N GLN A 240 -5.22 14.27 6.88
CA GLN A 240 -6.35 13.39 6.61
C GLN A 240 -6.46 13.11 5.10
N GLU A 241 -6.12 14.11 4.29
CA GLU A 241 -6.20 14.05 2.84
C GLU A 241 -5.29 12.94 2.32
N GLU A 242 -4.13 12.78 2.96
CA GLU A 242 -3.15 11.80 2.50
C GLU A 242 -3.67 10.38 2.80
N VAL A 243 -4.40 10.23 3.90
CA VAL A 243 -5.03 8.96 4.21
C VAL A 243 -6.22 8.75 3.25
N GLY A 244 -6.97 9.83 2.98
CA GLY A 244 -8.07 9.80 2.04
C GLY A 244 -7.62 9.26 0.69
N ASN A 245 -6.48 9.75 0.19
CA ASN A 245 -6.00 9.34 -1.12
C ASN A 245 -5.55 7.88 -1.13
N ALA A 246 -4.90 7.45 -0.05
CA ALA A 246 -4.46 6.07 0.06
C ALA A 246 -5.70 5.15 0.14
N ALA A 247 -6.76 5.59 0.83
CA ALA A 247 -7.99 4.82 0.98
C ALA A 247 -8.64 4.66 -0.40
N LEU A 248 -8.62 5.76 -1.16
CA LEU A 248 -9.15 5.79 -2.50
C LEU A 248 -8.47 4.72 -3.35
N PHE A 249 -7.14 4.67 -3.28
CA PHE A 249 -6.38 3.68 -4.01
C PHE A 249 -6.85 2.28 -3.63
N LEU A 250 -6.90 1.99 -2.31
CA LEU A 250 -7.20 0.62 -1.89
C LEU A 250 -8.64 0.22 -2.25
N LEU A 251 -9.53 1.22 -2.30
CA LEU A 251 -10.92 0.99 -2.66
C LEU A 251 -11.09 0.93 -4.17
N SER A 252 -10.03 1.25 -4.94
CA SER A 252 -10.13 1.41 -6.39
C SER A 252 -9.79 0.13 -7.14
N PRO A 253 -10.16 0.00 -8.45
CA PRO A 253 -9.76 -1.15 -9.28
C PRO A 253 -8.24 -1.31 -9.43
N TRP A 254 -7.51 -0.23 -9.13
CA TRP A 254 -6.07 -0.25 -9.22
C TRP A 254 -5.48 -1.17 -8.14
N ALA A 255 -6.23 -1.41 -7.04
CA ALA A 255 -5.73 -2.28 -5.97
C ALA A 255 -6.30 -3.69 -6.08
N SER A 256 -6.65 -4.12 -7.31
CA SER A 256 -7.30 -5.39 -7.55
C SER A 256 -6.44 -6.56 -7.10
N GLY A 257 -5.09 -6.41 -7.09
CA GLY A 257 -4.24 -7.51 -6.66
C GLY A 257 -3.89 -7.52 -5.16
N ILE A 258 -4.51 -6.63 -4.36
CA ILE A 258 -4.10 -6.37 -2.98
C ILE A 258 -5.23 -6.75 -2.02
N THR A 259 -4.97 -7.73 -1.16
CA THR A 259 -5.92 -8.08 -0.12
C THR A 259 -5.13 -8.55 1.11
N GLY A 260 -5.73 -8.36 2.28
CA GLY A 260 -5.09 -8.74 3.53
C GLY A 260 -3.98 -7.76 3.94
N GLU A 261 -3.93 -6.59 3.30
CA GLU A 261 -2.77 -5.73 3.43
C GLU A 261 -2.98 -4.66 4.50
N ILE A 262 -1.92 -4.40 5.29
CA ILE A 262 -1.87 -3.24 6.16
C ILE A 262 -0.95 -2.21 5.50
N LEU A 263 -1.53 -1.07 5.09
CA LEU A 263 -0.73 -0.06 4.42
C LEU A 263 -0.51 1.11 5.39
N PHE A 264 0.75 1.36 5.73
CA PHE A 264 1.11 2.46 6.60
C PHE A 264 1.06 3.75 5.80
N VAL A 265 0.29 4.72 6.32
CA VAL A 265 0.27 6.11 5.87
C VAL A 265 0.64 6.99 7.06
N ASP A 266 1.94 7.07 7.39
CA ASP A 266 2.42 7.63 8.63
C ASP A 266 3.73 8.39 8.42
N ALA A 267 4.02 8.77 7.16
CA ALA A 267 5.22 9.53 6.84
C ALA A 267 6.48 8.73 7.18
N GLY A 268 6.33 7.40 7.31
CA GLY A 268 7.50 6.57 7.54
C GLY A 268 7.76 6.28 9.02
N PHE A 269 6.93 6.84 9.92
CA PHE A 269 7.13 6.73 11.36
C PHE A 269 7.43 5.31 11.86
N ASN A 270 6.64 4.33 11.41
CA ASN A 270 6.73 2.95 11.87
C ASN A 270 8.11 2.34 11.59
N THR A 271 8.89 2.91 10.65
CA THR A 271 10.14 2.30 10.23
C THR A 271 11.36 2.76 11.06
N VAL A 272 11.18 3.74 11.96
CA VAL A 272 12.32 4.35 12.65
C VAL A 272 12.24 3.97 14.14
N ALA A 273 13.32 3.38 14.66
CA ALA A 273 13.33 3.14 16.10
C ALA A 273 13.74 4.41 16.86
N ILE A 274 14.87 5.04 16.51
CA ILE A 274 15.25 6.34 17.08
C ILE A 274 15.77 7.23 15.96
N SER A 275 15.44 8.53 15.99
CA SER A 275 16.06 9.55 15.14
C SER A 275 17.03 10.40 15.96
N GLU A 276 17.48 11.56 15.47
CA GLU A 276 18.01 12.61 16.36
C GLU A 276 16.95 13.20 17.29
N LYS A 277 16.28 12.31 18.04
CA LYS A 277 15.72 12.45 19.37
C LYS A 277 16.88 12.30 20.34
N ILE A 278 17.83 11.50 19.86
CA ILE A 278 19.20 11.43 20.29
C ILE A 278 19.71 12.83 20.68
N MET A 279 19.51 13.85 19.83
CA MET A 279 19.88 15.23 20.14
C MET A 279 18.66 15.96 20.72
N GLN B 12 -7.07 4.66 -18.31
CA GLN B 12 -6.72 5.92 -19.03
C GLN B 12 -7.31 7.11 -18.28
N SER B 13 -6.72 7.46 -17.13
CA SER B 13 -7.03 8.74 -16.50
C SER B 13 -5.84 9.65 -16.84
N MET B 14 -5.67 10.78 -16.17
CA MET B 14 -4.52 11.57 -16.60
C MET B 14 -3.75 11.98 -15.36
N LEU B 15 -3.44 10.99 -14.52
CA LEU B 15 -2.98 11.27 -13.17
C LEU B 15 -1.50 11.66 -13.17
N LEU B 16 -0.75 11.27 -14.20
CA LEU B 16 0.67 11.59 -14.21
C LEU B 16 1.02 12.55 -15.34
N LYS B 17 0.08 13.44 -15.70
CA LYS B 17 0.29 14.43 -16.75
C LYS B 17 1.54 15.27 -16.42
N GLY B 18 2.50 15.23 -17.35
CA GLY B 18 3.68 16.06 -17.24
C GLY B 18 4.67 15.54 -16.19
N GLN B 19 4.51 14.30 -15.73
CA GLN B 19 5.46 13.73 -14.78
C GLN B 19 6.44 12.82 -15.51
N ARG B 20 7.62 12.64 -14.91
CA ARG B 20 8.71 11.93 -15.58
C ARG B 20 9.23 10.81 -14.68
N PHE B 21 9.51 9.63 -15.30
CA PHE B 21 9.94 8.45 -14.55
C PHE B 21 11.07 7.75 -15.30
N VAL B 22 12.07 7.29 -14.54
CA VAL B 22 13.09 6.42 -15.11
C VAL B 22 12.71 4.99 -14.74
N VAL B 23 12.75 4.08 -15.73
CA VAL B 23 12.28 2.71 -15.55
C VAL B 23 13.36 1.73 -15.99
N THR B 24 13.95 1.05 -15.01
CA THR B 24 14.92 -0.01 -15.22
C THR B 24 14.20 -1.35 -15.27
N GLY B 25 14.92 -2.38 -15.73
CA GLY B 25 14.46 -3.74 -15.54
C GLY B 25 13.55 -4.30 -16.64
N ILE B 26 13.34 -3.54 -17.73
CA ILE B 26 12.63 -4.12 -18.87
C ILE B 26 13.56 -5.10 -19.58
N ALA B 27 13.14 -6.38 -19.67
CA ALA B 27 13.88 -7.39 -20.40
C ALA B 27 13.03 -8.09 -21.47
N SER B 28 11.70 -8.00 -21.36
CA SER B 28 10.76 -8.60 -22.30
C SER B 28 9.39 -8.04 -22.01
N LYS B 29 8.42 -8.38 -22.86
CA LYS B 29 7.03 -8.00 -22.74
C LYS B 29 6.44 -8.55 -21.43
N LEU B 30 7.11 -9.54 -20.83
CA LEU B 30 6.63 -10.20 -19.61
C LEU B 30 7.18 -9.52 -18.34
N SER B 31 8.20 -8.64 -18.48
CA SER B 31 8.85 -8.00 -17.35
C SER B 31 7.82 -7.29 -16.49
N ILE B 32 7.98 -7.35 -15.17
CA ILE B 32 7.11 -6.54 -14.35
C ILE B 32 7.27 -5.07 -14.75
N ALA B 33 8.54 -4.68 -15.02
CA ALA B 33 8.87 -3.31 -15.39
C ALA B 33 8.16 -2.90 -16.69
N TRP B 34 7.91 -3.85 -17.58
CA TRP B 34 7.15 -3.55 -18.76
C TRP B 34 5.77 -3.01 -18.37
N ALA B 35 5.03 -3.73 -17.53
CA ALA B 35 3.72 -3.31 -17.08
C ALA B 35 3.75 -2.02 -16.27
N ILE B 36 4.81 -1.81 -15.46
CA ILE B 36 4.96 -0.54 -14.76
C ILE B 36 5.07 0.59 -15.78
N ALA B 37 5.91 0.40 -16.81
CA ALA B 37 6.05 1.42 -17.84
C ALA B 37 4.70 1.71 -18.49
N GLU B 38 3.99 0.62 -18.82
CA GLU B 38 2.70 0.68 -19.46
C GLU B 38 1.69 1.47 -18.63
N SER B 39 1.71 1.29 -17.31
CA SER B 39 0.78 1.98 -16.43
C SER B 39 1.14 3.47 -16.37
N LEU B 40 2.44 3.78 -16.35
CA LEU B 40 2.85 5.16 -16.20
C LEU B 40 2.50 5.93 -17.47
N HIS B 41 2.80 5.31 -18.62
CA HIS B 41 2.48 5.84 -19.95
C HIS B 41 0.98 6.04 -20.12
N ARG B 42 0.19 5.01 -19.77
CA ARG B 42 -1.25 5.04 -19.85
C ARG B 42 -1.75 6.30 -19.15
N GLU B 43 -1.07 6.73 -18.09
CA GLU B 43 -1.57 7.79 -17.23
C GLU B 43 -0.94 9.12 -17.63
N GLY B 44 -0.14 9.09 -18.70
CA GLY B 44 0.30 10.33 -19.33
C GLY B 44 1.69 10.79 -18.90
N ALA B 45 2.48 9.88 -18.31
CA ALA B 45 3.82 10.24 -17.88
C ALA B 45 4.77 10.03 -19.05
N GLN B 46 5.91 10.70 -18.99
CA GLN B 46 7.00 10.46 -19.92
C GLN B 46 8.03 9.57 -19.24
N LEU B 47 8.71 8.78 -20.05
CA LEU B 47 9.55 7.71 -19.59
C LEU B 47 10.94 7.82 -20.20
N ILE B 48 11.94 7.52 -19.37
CA ILE B 48 13.22 7.09 -19.89
C ILE B 48 13.41 5.64 -19.46
N LEU B 49 13.89 4.82 -20.39
CA LEU B 49 14.00 3.39 -20.20
C LEU B 49 15.48 3.05 -20.27
N THR B 50 15.94 2.12 -19.43
CA THR B 50 17.35 1.78 -19.43
C THR B 50 17.53 0.31 -19.79
N TYR B 51 18.74 -0.04 -20.23
CA TYR B 51 19.08 -1.40 -20.63
C TYR B 51 20.49 -1.68 -20.15
N PRO B 52 20.78 -2.93 -19.71
CA PRO B 52 22.11 -3.25 -19.20
C PRO B 52 23.13 -3.65 -20.26
N ASN B 53 22.68 -4.10 -21.45
CA ASN B 53 23.58 -4.53 -22.52
C ASN B 53 22.83 -4.58 -23.84
N ASP B 54 23.55 -4.95 -24.90
CA ASP B 54 23.04 -4.84 -26.25
C ASP B 54 21.96 -5.87 -26.52
N LYS B 55 22.13 -7.10 -26.03
CA LYS B 55 21.11 -8.10 -26.24
C LYS B 55 19.77 -7.58 -25.70
N ILE B 56 19.80 -7.02 -24.48
CA ILE B 56 18.57 -6.56 -23.83
C ILE B 56 18.05 -5.26 -24.45
N LYS B 57 18.93 -4.51 -25.12
CA LYS B 57 18.53 -3.26 -25.77
C LYS B 57 17.43 -3.52 -26.80
N LYS B 58 17.53 -4.65 -27.53
CA LYS B 58 16.54 -5.09 -28.51
C LYS B 58 15.12 -4.98 -27.94
N ARG B 59 14.96 -5.43 -26.69
CA ARG B 59 13.63 -5.50 -26.09
C ARG B 59 13.26 -4.17 -25.45
N VAL B 60 14.24 -3.43 -24.93
CA VAL B 60 13.94 -2.12 -24.38
C VAL B 60 13.51 -1.17 -25.51
N ASP B 61 14.13 -1.30 -26.70
CA ASP B 61 13.75 -0.52 -27.87
C ASP B 61 12.29 -0.76 -28.24
N MET B 62 11.81 -2.03 -28.20
CA MET B 62 10.40 -2.32 -28.46
C MET B 62 9.51 -1.57 -27.48
N ALA B 63 9.93 -1.50 -26.21
CA ALA B 63 9.17 -0.81 -25.17
C ALA B 63 9.22 0.69 -25.40
N ALA B 64 10.37 1.20 -25.86
CA ALA B 64 10.53 2.60 -26.22
C ALA B 64 9.53 3.01 -27.32
N GLU B 65 9.36 2.16 -28.34
CA GLU B 65 8.39 2.40 -29.41
C GLU B 65 6.96 2.41 -28.87
N ALA B 66 6.60 1.38 -28.08
CA ALA B 66 5.24 1.25 -27.57
C ALA B 66 4.88 2.38 -26.61
N PHE B 67 5.87 2.95 -25.90
CA PHE B 67 5.52 3.90 -24.86
C PHE B 67 6.05 5.29 -25.19
N ASP B 68 6.66 5.45 -26.38
CA ASP B 68 7.15 6.74 -26.84
C ASP B 68 8.16 7.28 -25.82
N ALA B 69 9.17 6.45 -25.47
CA ALA B 69 10.13 6.87 -24.45
C ALA B 69 10.86 8.14 -24.92
N VAL B 70 11.16 9.04 -23.99
CA VAL B 70 11.97 10.22 -24.25
C VAL B 70 13.40 9.81 -24.63
N ALA B 71 13.95 8.78 -24.00
CA ALA B 71 15.27 8.25 -24.35
C ALA B 71 15.39 6.81 -23.87
N VAL B 72 16.41 6.13 -24.39
CA VAL B 72 16.75 4.76 -24.06
C VAL B 72 18.24 4.80 -23.77
N ILE B 73 18.64 4.61 -22.50
CA ILE B 73 20.00 4.85 -22.06
C ILE B 73 20.56 3.59 -21.41
N GLU B 74 21.88 3.40 -21.57
CA GLU B 74 22.56 2.25 -21.01
C GLU B 74 22.72 2.45 -19.50
N CYS B 75 22.46 1.37 -18.75
CA CYS B 75 22.59 1.39 -17.30
C CYS B 75 22.76 -0.04 -16.80
N ASP B 76 24.02 -0.43 -16.67
CA ASP B 76 24.43 -1.65 -15.99
C ASP B 76 24.75 -1.27 -14.56
N VAL B 77 23.89 -1.69 -13.61
CA VAL B 77 24.01 -1.22 -12.24
C VAL B 77 25.20 -1.86 -11.52
N GLY B 78 25.92 -2.75 -12.22
CA GLY B 78 27.17 -3.29 -11.72
C GLY B 78 28.36 -2.31 -11.81
N SER B 79 28.20 -1.25 -12.63
CA SER B 79 29.27 -0.31 -12.87
C SER B 79 28.88 1.08 -12.37
N ASP B 80 29.70 1.64 -11.48
CA ASP B 80 29.55 3.02 -11.02
C ASP B 80 29.63 3.96 -12.21
N GLU B 81 30.57 3.68 -13.13
CA GLU B 81 30.73 4.49 -14.34
C GLU B 81 29.45 4.46 -15.17
N SER B 82 28.93 3.25 -15.44
CA SER B 82 27.71 3.12 -16.22
C SER B 82 26.55 3.91 -15.62
N ILE B 83 26.40 3.88 -14.29
CA ILE B 83 25.31 4.56 -13.62
C ILE B 83 25.52 6.07 -13.72
N GLN B 84 26.75 6.52 -13.42
CA GLN B 84 27.08 7.94 -13.45
C GLN B 84 26.83 8.49 -14.86
N VAL B 85 27.31 7.78 -15.88
CA VAL B 85 27.07 8.20 -17.26
C VAL B 85 25.57 8.26 -17.54
N CYS B 86 24.85 7.21 -17.10
CA CYS B 86 23.43 7.08 -17.40
C CYS B 86 22.68 8.28 -16.84
N PHE B 87 22.97 8.63 -15.58
CA PHE B 87 22.26 9.75 -14.97
C PHE B 87 22.77 11.09 -15.52
N ASP B 88 23.95 11.07 -16.15
CA ASP B 88 24.38 12.25 -16.90
C ASP B 88 23.41 12.49 -18.07
N GLU B 89 23.30 11.48 -18.95
CA GLU B 89 22.35 11.51 -20.05
C GLU B 89 20.97 11.94 -19.57
N ILE B 90 20.51 11.39 -18.44
CA ILE B 90 19.13 11.71 -18.10
C ILE B 90 19.04 13.17 -17.66
N ALA B 91 20.13 13.70 -17.06
CA ALA B 91 20.19 15.10 -16.65
C ALA B 91 20.11 16.05 -17.86
N LYS B 92 20.73 15.66 -18.98
CA LYS B 92 20.61 16.40 -20.23
C LYS B 92 19.13 16.61 -20.56
N HIS B 93 18.36 15.51 -20.58
CA HIS B 93 16.94 15.62 -20.88
C HIS B 93 16.17 16.31 -19.76
N TRP B 94 16.37 15.89 -18.50
CA TRP B 94 15.39 16.20 -17.47
C TRP B 94 15.95 17.04 -16.31
N GLY B 95 17.24 17.40 -16.38
CA GLY B 95 17.91 18.04 -15.25
C GLY B 95 17.81 19.57 -15.22
N VAL B 96 17.20 20.16 -16.24
CA VAL B 96 17.48 21.55 -16.58
C VAL B 96 16.17 22.33 -16.67
N GLY B 97 16.27 23.63 -16.46
CA GLY B 97 15.17 24.52 -16.79
C GLY B 97 14.22 24.70 -15.62
N ASP B 98 13.12 25.42 -15.87
CA ASP B 98 12.16 25.75 -14.82
C ASP B 98 11.32 24.52 -14.45
N ASP B 99 11.47 23.43 -15.21
CA ASP B 99 10.65 22.27 -14.98
C ASP B 99 11.51 21.12 -14.46
N LYS B 100 12.72 21.42 -13.96
CA LYS B 100 13.78 20.42 -13.80
C LYS B 100 13.37 19.34 -12.79
N GLY B 101 13.96 18.15 -12.93
CA GLY B 101 13.78 17.08 -11.96
C GLY B 101 13.06 15.83 -12.51
N ILE B 102 13.00 14.78 -11.68
CA ILE B 102 12.24 13.60 -12.05
C ILE B 102 11.28 13.24 -10.92
N ASP B 103 10.15 12.64 -11.27
CA ASP B 103 9.13 12.30 -10.31
C ASP B 103 9.37 10.91 -9.72
N GLY B 104 10.09 10.03 -10.43
CA GLY B 104 10.39 8.75 -9.85
C GLY B 104 11.42 7.94 -10.64
N ILE B 105 12.06 7.02 -9.91
CA ILE B 105 12.99 6.03 -10.43
C ILE B 105 12.50 4.64 -9.99
N VAL B 106 12.35 3.74 -10.96
CA VAL B 106 11.82 2.41 -10.72
C VAL B 106 12.98 1.45 -10.86
N HIS B 107 13.34 0.86 -9.71
CA HIS B 107 14.31 -0.22 -9.64
C HIS B 107 13.60 -1.58 -9.76
N ALA B 108 13.87 -2.29 -10.86
CA ALA B 108 13.25 -3.59 -11.12
C ALA B 108 14.31 -4.55 -11.62
N ILE B 109 15.32 -4.76 -10.79
CA ILE B 109 16.53 -5.46 -11.15
C ILE B 109 16.86 -6.42 -10.03
N GLY B 110 16.97 -7.69 -10.40
CA GLY B 110 17.45 -8.73 -9.53
C GLY B 110 18.41 -9.60 -10.33
N PHE B 111 19.44 -10.08 -9.64
CA PHE B 111 20.34 -11.08 -10.21
C PHE B 111 21.09 -11.80 -9.08
N ALA B 112 21.20 -13.12 -9.21
CA ALA B 112 22.24 -13.92 -8.58
C ALA B 112 22.71 -14.96 -9.60
N PRO B 113 23.98 -15.42 -9.60
CA PRO B 113 24.39 -16.51 -10.49
C PRO B 113 23.45 -17.71 -10.28
N ALA B 114 23.05 -18.35 -11.39
CA ALA B 114 22.04 -19.41 -11.41
C ALA B 114 22.31 -20.53 -10.40
N ASP B 115 23.58 -20.84 -10.16
CA ASP B 115 23.95 -21.97 -9.32
C ASP B 115 23.49 -21.75 -7.88
N GLN B 116 23.48 -20.50 -7.41
CA GLN B 116 23.01 -20.12 -6.07
C GLN B 116 21.57 -20.57 -5.80
N LEU B 117 20.74 -20.71 -6.86
CA LEU B 117 19.32 -20.96 -6.69
C LEU B 117 18.96 -22.40 -7.09
N ASP B 118 19.96 -23.29 -7.11
CA ASP B 118 19.76 -24.67 -7.54
C ASP B 118 19.96 -25.61 -6.35
N GLY B 119 18.88 -25.89 -5.62
CA GLY B 119 18.89 -26.89 -4.57
C GLY B 119 19.21 -26.33 -3.19
N ASP B 120 19.67 -27.23 -2.32
CA ASP B 120 20.02 -26.99 -0.94
C ASP B 120 20.80 -25.70 -0.77
N PHE B 121 20.28 -24.87 0.14
CA PHE B 121 20.79 -23.53 0.38
C PHE B 121 22.26 -23.53 0.81
N THR B 122 22.62 -24.34 1.81
CA THR B 122 23.96 -24.35 2.38
C THR B 122 24.99 -24.86 1.36
N GLN B 123 24.61 -25.91 0.61
CA GLN B 123 25.44 -26.45 -0.44
C GLN B 123 25.63 -25.41 -1.54
N ALA B 124 24.53 -24.81 -2.00
CA ALA B 124 24.53 -24.02 -3.22
C ALA B 124 25.13 -22.62 -3.02
N THR B 125 25.06 -22.06 -1.79
CA THR B 125 25.48 -20.67 -1.62
C THR B 125 27.01 -20.55 -1.58
N THR B 126 27.57 -19.58 -2.33
CA THR B 126 29.01 -19.38 -2.34
C THR B 126 29.36 -17.94 -1.99
N ARG B 127 30.61 -17.72 -1.57
CA ARG B 127 31.05 -16.38 -1.21
C ARG B 127 30.81 -15.39 -2.36
N GLU B 128 31.19 -15.78 -3.58
CA GLU B 128 31.07 -14.88 -4.70
C GLU B 128 29.61 -14.77 -5.15
N GLY B 129 28.88 -15.89 -5.11
CA GLY B 129 27.46 -15.85 -5.44
C GLY B 129 26.73 -14.80 -4.60
N SER B 130 27.04 -14.81 -3.29
CA SER B 130 26.44 -13.92 -2.30
C SER B 130 26.80 -12.48 -2.61
N GLN B 131 28.09 -12.27 -2.88
CA GLN B 131 28.65 -10.98 -3.23
C GLN B 131 27.89 -10.39 -4.43
N ILE B 132 27.75 -11.19 -5.50
CA ILE B 132 27.10 -10.72 -6.71
C ILE B 132 25.60 -10.49 -6.44
N ALA B 133 24.94 -11.46 -5.78
CA ALA B 133 23.52 -11.31 -5.47
C ALA B 133 23.24 -9.97 -4.75
N HIS B 134 24.03 -9.64 -3.72
CA HIS B 134 23.75 -8.44 -2.93
C HIS B 134 24.11 -7.19 -3.74
N ASP B 135 25.18 -7.27 -4.51
CA ASP B 135 25.68 -6.14 -5.28
C ASP B 135 24.64 -5.75 -6.32
N ILE B 136 24.18 -6.72 -7.12
CA ILE B 136 23.26 -6.41 -8.22
C ILE B 136 21.82 -6.22 -7.71
N SER B 137 21.41 -6.96 -6.66
CA SER B 137 20.00 -6.98 -6.25
C SER B 137 19.66 -5.95 -5.18
N SER B 138 20.67 -5.55 -4.42
CA SER B 138 20.39 -4.72 -3.24
C SER B 138 21.14 -3.39 -3.30
N TYR B 139 22.50 -3.45 -3.36
CA TYR B 139 23.30 -2.23 -3.39
C TYR B 139 22.92 -1.34 -4.57
N SER B 140 22.59 -1.97 -5.71
CA SER B 140 22.20 -1.23 -6.90
C SER B 140 21.06 -0.25 -6.60
N PHE B 141 20.18 -0.58 -5.64
CA PHE B 141 19.08 0.34 -5.35
C PHE B 141 19.63 1.61 -4.70
N VAL B 142 20.58 1.47 -3.78
CA VAL B 142 21.20 2.67 -3.21
C VAL B 142 22.04 3.42 -4.27
N ALA B 143 22.68 2.68 -5.19
CA ALA B 143 23.42 3.25 -6.29
C ALA B 143 22.54 4.18 -7.12
N LEU B 144 21.33 3.73 -7.44
CA LEU B 144 20.39 4.57 -8.18
C LEU B 144 19.95 5.78 -7.36
N ALA B 145 19.77 5.59 -6.05
CA ALA B 145 19.34 6.70 -5.21
C ALA B 145 20.46 7.76 -5.17
N LYS B 146 21.72 7.30 -5.06
CA LYS B 146 22.85 8.22 -5.03
C LYS B 146 22.91 9.05 -6.33
N ALA B 147 22.84 8.39 -7.49
CA ALA B 147 22.93 9.09 -8.75
C ALA B 147 21.69 9.95 -9.00
N GLY B 148 20.52 9.59 -8.45
CA GLY B 148 19.30 10.30 -8.82
C GLY B 148 18.81 11.30 -7.78
N ARG B 149 19.47 11.33 -6.63
CA ARG B 149 19.03 12.15 -5.50
C ARG B 149 18.63 13.55 -5.96
N GLU B 150 19.53 14.26 -6.67
CA GLU B 150 19.31 15.68 -6.96
C GLU B 150 18.12 15.83 -7.90
N LEU B 151 18.08 15.01 -8.94
CA LEU B 151 16.96 15.02 -9.87
C LEU B 151 15.64 14.76 -9.14
N LEU B 152 15.65 13.83 -8.16
CA LEU B 152 14.45 13.50 -7.42
C LEU B 152 14.01 14.65 -6.52
N ALA B 153 14.99 15.26 -5.86
CA ALA B 153 14.70 16.30 -4.89
C ALA B 153 14.03 17.49 -5.56
N ALA B 154 14.45 17.77 -6.81
CA ALA B 154 13.95 18.94 -7.52
C ALA B 154 12.43 18.83 -7.70
N ARG B 155 11.92 17.59 -7.89
CA ARG B 155 10.47 17.40 -8.01
C ARG B 155 9.83 16.79 -6.75
N GLN B 156 10.62 16.54 -5.71
CA GLN B 156 10.13 15.76 -4.58
C GLN B 156 9.56 14.40 -5.02
N GLY B 157 10.34 13.69 -5.82
CA GLY B 157 9.93 12.40 -6.37
C GLY B 157 10.14 11.26 -5.37
N SER B 158 10.05 10.01 -5.86
CA SER B 158 10.26 8.86 -5.01
C SER B 158 11.03 7.79 -5.76
N LEU B 159 11.59 6.85 -4.99
CA LEU B 159 12.15 5.61 -5.50
C LEU B 159 11.16 4.47 -5.19
N LEU B 160 11.15 3.47 -6.07
CA LEU B 160 10.37 2.25 -5.90
C LEU B 160 11.24 1.08 -6.33
N THR B 161 11.30 0.04 -5.48
CA THR B 161 11.92 -1.22 -5.87
C THR B 161 10.90 -2.35 -5.80
N LEU B 162 11.31 -3.53 -6.26
CA LEU B 162 10.45 -4.70 -6.18
C LEU B 162 11.16 -5.74 -5.33
N THR B 163 10.40 -6.27 -4.37
CA THR B 163 10.92 -7.33 -3.51
C THR B 163 10.00 -8.54 -3.62
N TYR B 164 10.27 -9.52 -2.77
CA TYR B 164 9.54 -10.77 -2.75
C TYR B 164 9.55 -11.32 -1.32
N GLU B 165 8.49 -12.06 -0.99
CA GLU B 165 8.30 -12.63 0.33
C GLU B 165 9.50 -13.49 0.77
N GLY B 166 10.26 -13.97 -0.22
CA GLY B 166 11.46 -14.75 0.05
C GLY B 166 12.41 -14.08 1.04
N SER B 167 12.25 -12.75 1.26
CA SER B 167 13.05 -12.00 2.21
C SER B 167 12.74 -12.40 3.65
N ILE B 168 11.47 -12.67 3.95
CA ILE B 168 10.99 -12.85 5.32
C ILE B 168 10.51 -14.27 5.55
N SER B 169 10.15 -14.98 4.47
CA SER B 169 9.77 -16.39 4.57
C SER B 169 10.59 -17.23 3.59
N VAL B 170 10.77 -18.50 3.91
CA VAL B 170 11.54 -19.40 3.08
C VAL B 170 10.67 -19.93 1.94
N LEU B 171 11.19 -19.82 0.71
CA LEU B 171 10.61 -20.44 -0.48
C LEU B 171 11.69 -21.28 -1.13
N PRO B 172 11.37 -22.49 -1.67
CA PRO B 172 12.42 -23.37 -2.16
C PRO B 172 13.24 -22.65 -3.23
N ASN B 173 14.58 -22.80 -3.14
CA ASN B 173 15.52 -22.41 -4.16
C ASN B 173 15.78 -20.90 -4.16
N TYR B 174 14.97 -20.13 -3.41
CA TYR B 174 15.11 -18.69 -3.52
C TYR B 174 16.46 -18.24 -2.96
N ASN B 175 16.85 -18.87 -1.84
CA ASN B 175 18.23 -18.90 -1.35
C ASN B 175 18.82 -17.49 -1.23
N VAL B 176 19.97 -17.29 -1.86
CA VAL B 176 20.74 -16.06 -1.76
C VAL B 176 19.91 -14.85 -2.17
N MET B 177 18.92 -15.04 -3.07
CA MET B 177 18.07 -13.93 -3.44
C MET B 177 17.22 -13.48 -2.26
N GLY B 178 16.87 -14.43 -1.36
CA GLY B 178 16.20 -14.09 -0.11
C GLY B 178 17.07 -13.19 0.79
N MET B 179 18.37 -13.49 0.88
CA MET B 179 19.28 -12.66 1.65
C MET B 179 19.38 -11.29 1.02
N ALA B 180 19.50 -11.23 -0.31
CA ALA B 180 19.59 -9.95 -1.01
C ALA B 180 18.30 -9.12 -0.87
N LYS B 181 17.13 -9.77 -0.91
CA LYS B 181 15.86 -9.05 -0.83
C LYS B 181 15.65 -8.46 0.57
N ALA B 182 16.10 -9.21 1.58
CA ALA B 182 16.03 -8.75 2.97
C ALA B 182 16.90 -7.51 3.13
N SER B 183 18.09 -7.57 2.52
CA SER B 183 19.05 -6.47 2.47
C SER B 183 18.42 -5.30 1.74
N LEU B 184 17.82 -5.60 0.59
CA LEU B 184 17.14 -4.57 -0.19
C LEU B 184 16.08 -3.86 0.64
N GLU B 185 15.29 -4.63 1.40
CA GLU B 185 14.20 -4.04 2.16
C GLU B 185 14.74 -3.15 3.28
N ALA B 186 15.83 -3.57 3.94
CA ALA B 186 16.48 -2.68 4.91
C ALA B 186 16.89 -1.38 4.23
N SER B 187 17.37 -1.45 2.98
CA SER B 187 17.82 -0.23 2.30
C SER B 187 16.65 0.70 2.01
N VAL B 188 15.47 0.13 1.73
CA VAL B 188 14.27 0.93 1.55
C VAL B 188 14.09 1.81 2.78
N ARG B 189 14.31 1.23 3.97
CA ARG B 189 14.07 1.94 5.22
C ARG B 189 15.16 2.98 5.47
N TYR B 190 16.43 2.62 5.22
CA TYR B 190 17.54 3.53 5.44
C TYR B 190 17.48 4.69 4.45
N LEU B 191 17.21 4.38 3.18
CA LEU B 191 17.04 5.43 2.17
C LEU B 191 15.88 6.36 2.55
N ALA B 192 14.78 5.79 3.09
CA ALA B 192 13.64 6.64 3.41
C ALA B 192 14.06 7.66 4.46
N SER B 193 14.79 7.17 5.48
CA SER B 193 15.24 7.97 6.60
C SER B 193 16.21 9.04 6.10
N SER B 194 17.11 8.64 5.20
CA SER B 194 18.16 9.48 4.64
C SER B 194 17.61 10.57 3.72
N LEU B 195 16.56 10.25 2.93
CA LEU B 195 16.14 11.12 1.85
C LEU B 195 14.84 11.85 2.18
N GLY B 196 14.22 11.51 3.31
CA GLY B 196 12.89 12.03 3.56
C GLY B 196 12.89 13.54 3.79
N GLY B 197 13.99 14.05 4.35
CA GLY B 197 14.10 15.43 4.73
C GLY B 197 14.24 16.32 3.49
N GLU B 198 14.63 15.71 2.38
CA GLU B 198 14.64 16.35 1.07
C GLU B 198 13.34 16.08 0.29
N GLY B 199 12.32 15.54 0.96
CA GLY B 199 11.00 15.35 0.38
C GLY B 199 10.95 14.14 -0.57
N ILE B 200 11.96 13.26 -0.50
CA ILE B 200 11.98 12.09 -1.34
C ILE B 200 11.42 10.88 -0.57
N ARG B 201 10.47 10.16 -1.18
CA ARG B 201 9.86 8.96 -0.58
C ARG B 201 10.55 7.74 -1.16
N VAL B 202 10.61 6.67 -0.37
CA VAL B 202 11.23 5.42 -0.81
C VAL B 202 10.36 4.23 -0.37
N ASN B 203 9.93 3.39 -1.33
CA ASN B 203 8.95 2.35 -1.06
C ASN B 203 9.29 1.10 -1.88
N ALA B 204 8.63 -0.03 -1.56
CA ALA B 204 8.81 -1.28 -2.27
C ALA B 204 7.45 -1.96 -2.46
N ILE B 205 7.39 -2.74 -3.54
CA ILE B 205 6.27 -3.63 -3.73
C ILE B 205 6.82 -5.05 -3.60
N SER B 206 6.14 -5.84 -2.76
CA SER B 206 6.40 -7.27 -2.65
C SER B 206 5.41 -7.99 -3.54
N ALA B 207 5.84 -8.35 -4.77
CA ALA B 207 4.93 -8.97 -5.73
C ALA B 207 4.83 -10.46 -5.43
N GLY B 208 3.63 -11.04 -5.57
CA GLY B 208 3.57 -12.49 -5.62
C GLY B 208 4.29 -13.05 -6.86
N PRO B 209 4.31 -14.39 -7.05
CA PRO B 209 5.00 -14.99 -8.20
C PRO B 209 4.26 -14.70 -9.51
N ILE B 210 5.05 -14.36 -10.56
CA ILE B 210 4.55 -14.01 -11.87
C ILE B 210 5.55 -14.59 -12.89
N ARG B 211 5.03 -15.17 -13.98
CA ARG B 211 5.87 -15.73 -15.04
C ARG B 211 6.60 -14.60 -15.79
N THR B 212 7.89 -14.44 -15.51
CA THR B 212 8.73 -13.46 -16.18
C THR B 212 9.99 -14.19 -16.60
N LEU B 213 10.87 -13.53 -17.34
CA LEU B 213 12.02 -14.21 -17.85
C LEU B 213 12.84 -14.75 -16.68
N ALA B 214 13.15 -13.91 -15.68
CA ALA B 214 13.93 -14.37 -14.53
C ALA B 214 13.17 -15.48 -13.78
N ALA B 215 11.86 -15.30 -13.60
CA ALA B 215 11.05 -16.29 -12.90
C ALA B 215 11.20 -17.67 -13.55
N SER B 216 11.15 -17.71 -14.88
CA SER B 216 11.21 -18.92 -15.71
C SER B 216 12.44 -19.75 -15.35
N GLY B 217 13.50 -19.03 -14.95
CA GLY B 217 14.78 -19.67 -14.74
C GLY B 217 14.92 -20.36 -13.40
N ILE B 218 13.92 -20.23 -12.50
CA ILE B 218 14.02 -20.83 -11.17
C ILE B 218 13.41 -22.22 -11.17
N LYS B 219 14.20 -23.20 -10.75
CA LYS B 219 13.72 -24.57 -10.59
C LYS B 219 12.42 -24.55 -9.76
N SER B 220 11.44 -25.30 -10.23
CA SER B 220 10.17 -25.50 -9.55
C SER B 220 9.28 -24.25 -9.50
N PHE B 221 9.62 -23.21 -10.27
CA PHE B 221 8.83 -21.99 -10.27
C PHE B 221 7.37 -22.25 -10.68
N ARG B 222 7.20 -23.12 -11.69
CA ARG B 222 5.87 -23.47 -12.17
C ARG B 222 5.05 -24.04 -11.02
N ARG B 223 5.68 -24.95 -10.23
CA ARG B 223 5.04 -25.60 -9.10
C ARG B 223 4.71 -24.58 -8.02
N MET B 224 5.65 -23.65 -7.75
CA MET B 224 5.47 -22.50 -6.87
C MET B 224 4.19 -21.75 -7.25
N LEU B 225 4.04 -21.51 -8.54
CA LEU B 225 2.91 -20.77 -9.07
C LEU B 225 1.63 -21.53 -8.75
N ASP B 226 1.65 -22.87 -8.88
CA ASP B 226 0.46 -23.70 -8.68
C ASP B 226 0.05 -23.69 -7.20
N VAL B 227 1.01 -23.90 -6.30
CA VAL B 227 0.67 -23.88 -4.87
C VAL B 227 0.14 -22.50 -4.45
N SER B 228 0.81 -21.41 -4.88
CA SER B 228 0.41 -20.03 -4.56
C SER B 228 -1.07 -19.78 -4.84
N GLU B 229 -1.50 -20.17 -6.04
CA GLU B 229 -2.89 -20.02 -6.47
C GLU B 229 -3.85 -20.68 -5.48
N LYS B 230 -3.39 -21.75 -4.81
CA LYS B 230 -4.24 -22.52 -3.92
C LYS B 230 -4.12 -22.02 -2.48
N ILE B 231 -3.15 -21.13 -2.22
CA ILE B 231 -2.97 -20.58 -0.90
C ILE B 231 -3.58 -19.18 -0.84
N ALA B 232 -3.51 -18.44 -1.95
CA ALA B 232 -3.84 -17.03 -1.97
C ALA B 232 -5.33 -16.83 -1.70
N PRO B 233 -5.73 -15.92 -0.78
CA PRO B 233 -7.13 -15.61 -0.57
C PRO B 233 -7.97 -15.37 -1.82
N LEU B 234 -7.40 -14.78 -2.87
CA LEU B 234 -8.19 -14.49 -4.06
C LEU B 234 -8.26 -15.69 -5.00
N GLN B 235 -7.60 -16.79 -4.63
CA GLN B 235 -7.63 -18.06 -5.35
C GLN B 235 -7.07 -17.89 -6.75
N ARG B 236 -6.07 -17.03 -6.89
CA ARG B 236 -5.41 -16.79 -8.16
C ARG B 236 -4.09 -16.07 -7.88
N ASN B 237 -3.22 -16.06 -8.90
CA ASN B 237 -2.02 -15.25 -8.86
C ASN B 237 -2.32 -13.86 -9.41
N VAL B 238 -1.41 -12.89 -9.19
CA VAL B 238 -1.58 -11.56 -9.75
C VAL B 238 -0.95 -11.48 -11.12
N SER B 239 -1.38 -10.49 -11.91
CA SER B 239 -0.76 -10.19 -13.19
C SER B 239 0.22 -9.05 -13.05
N GLN B 240 1.10 -8.89 -14.06
CA GLN B 240 2.05 -7.79 -14.13
C GLN B 240 1.33 -6.45 -14.03
N GLU B 241 0.14 -6.37 -14.64
CA GLU B 241 -0.65 -5.15 -14.71
C GLU B 241 -1.04 -4.72 -13.30
N GLU B 242 -1.32 -5.70 -12.42
CA GLU B 242 -1.78 -5.36 -11.08
C GLU B 242 -0.62 -4.78 -10.27
N VAL B 243 0.60 -5.22 -10.55
CA VAL B 243 1.77 -4.64 -9.93
C VAL B 243 2.01 -3.25 -10.54
N GLY B 244 1.82 -3.15 -11.87
CA GLY B 244 1.96 -1.87 -12.56
C GLY B 244 1.07 -0.81 -11.93
N ASN B 245 -0.19 -1.16 -11.65
CA ASN B 245 -1.14 -0.20 -11.09
C ASN B 245 -0.78 0.21 -9.67
N ALA B 246 -0.35 -0.76 -8.86
CA ALA B 246 0.06 -0.47 -7.50
C ALA B 246 1.32 0.42 -7.50
N ALA B 247 2.23 0.18 -8.46
CA ALA B 247 3.47 0.93 -8.58
C ALA B 247 3.15 2.37 -8.93
N LEU B 248 2.17 2.50 -9.84
CA LEU B 248 1.70 3.80 -10.29
C LEU B 248 1.22 4.61 -9.08
N PHE B 249 0.42 3.97 -8.23
CA PHE B 249 -0.04 4.62 -7.00
C PHE B 249 1.15 5.11 -6.18
N LEU B 250 2.12 4.24 -5.90
CA LEU B 250 3.20 4.59 -4.99
C LEU B 250 4.09 5.68 -5.58
N LEU B 251 4.15 5.73 -6.92
CA LEU B 251 4.94 6.74 -7.61
C LEU B 251 4.14 8.03 -7.75
N SER B 252 2.84 8.00 -7.41
CA SER B 252 1.94 9.13 -7.68
C SER B 252 1.86 10.09 -6.48
N PRO B 253 1.35 11.33 -6.66
CA PRO B 253 1.14 12.26 -5.54
C PRO B 253 0.12 11.76 -4.53
N TRP B 254 -0.66 10.74 -4.91
CA TRP B 254 -1.62 10.15 -3.98
C TRP B 254 -0.90 9.43 -2.85
N ALA B 255 0.37 9.04 -3.07
CA ALA B 255 1.13 8.33 -2.03
C ALA B 255 2.06 9.28 -1.27
N SER B 256 1.70 10.57 -1.22
CA SER B 256 2.55 11.62 -0.64
C SER B 256 2.82 11.36 0.83
N GLY B 257 1.90 10.70 1.54
CA GLY B 257 2.13 10.46 2.97
C GLY B 257 2.80 9.12 3.30
N ILE B 258 3.30 8.38 2.28
CA ILE B 258 3.74 7.01 2.45
C ILE B 258 5.22 6.91 2.08
N THR B 259 6.03 6.51 3.07
CA THR B 259 7.43 6.23 2.78
C THR B 259 7.90 5.10 3.69
N GLY B 260 8.93 4.38 3.21
CA GLY B 260 9.49 3.27 3.94
C GLY B 260 8.60 2.03 3.88
N GLU B 261 7.63 2.03 2.96
CA GLU B 261 6.56 1.04 2.98
C GLU B 261 6.90 -0.17 2.09
N ILE B 262 6.61 -1.38 2.57
CA ILE B 262 6.55 -2.55 1.70
C ILE B 262 5.08 -2.90 1.47
N LEU B 263 4.64 -2.79 0.21
CA LEU B 263 3.24 -3.06 -0.10
C LEU B 263 3.16 -4.38 -0.86
N PHE B 264 2.44 -5.34 -0.26
CA PHE B 264 2.27 -6.66 -0.86
C PHE B 264 1.21 -6.56 -1.95
N VAL B 265 1.58 -7.04 -3.15
CA VAL B 265 0.65 -7.24 -4.27
C VAL B 265 0.79 -8.70 -4.70
N ASP B 266 0.08 -9.58 -3.96
CA ASP B 266 0.29 -11.03 -4.07
C ASP B 266 -1.05 -11.76 -3.86
N ALA B 267 -2.17 -11.05 -4.05
CA ALA B 267 -3.51 -11.63 -3.91
C ALA B 267 -3.71 -12.15 -2.49
N GLY B 268 -2.94 -11.61 -1.55
CA GLY B 268 -3.08 -11.98 -0.15
C GLY B 268 -2.23 -13.16 0.30
N PHE B 269 -1.42 -13.75 -0.61
CA PHE B 269 -0.60 -14.94 -0.32
C PHE B 269 0.16 -14.87 1.01
N ASN B 270 0.84 -13.75 1.29
CA ASN B 270 1.70 -13.60 2.46
C ASN B 270 0.92 -13.77 3.77
N THR B 271 -0.42 -13.62 3.76
CA THR B 271 -1.19 -13.60 5.01
C THR B 271 -1.67 -14.99 5.43
N VAL B 272 -1.43 -16.02 4.60
CA VAL B 272 -1.98 -17.35 4.84
C VAL B 272 -0.83 -18.28 5.20
N ALA B 273 -0.95 -18.97 6.34
CA ALA B 273 0.04 -19.99 6.64
C ALA B 273 -0.31 -21.29 5.90
N ILE B 274 -1.54 -21.79 6.09
CA ILE B 274 -2.03 -22.99 5.41
C ILE B 274 -3.47 -22.72 4.97
N SER B 275 -3.83 -23.16 3.75
CA SER B 275 -5.20 -23.10 3.26
C SER B 275 -5.80 -24.53 3.29
N GLU B 276 -7.09 -24.73 2.99
CA GLU B 276 -7.55 -26.05 2.58
C GLU B 276 -6.94 -26.50 1.24
N LYS B 277 -6.07 -27.49 1.38
CA LYS B 277 -4.92 -27.88 0.56
C LYS B 277 -4.16 -28.75 1.56
N ILE B 278 -4.51 -28.53 2.83
CA ILE B 278 -4.79 -29.56 3.81
C ILE B 278 -5.21 -30.85 3.07
N MET B 279 -6.10 -30.76 2.06
CA MET B 279 -6.40 -31.85 1.13
C MET B 279 -5.31 -32.02 0.06
N MET B 280 -5.34 -31.15 -0.97
CA MET B 280 -4.56 -31.25 -2.18
C MET B 280 -3.05 -31.18 -1.89
PA NAD C . -13.16 10.46 14.82
O1A NAD C . -13.55 10.84 16.22
O2A NAD C . -13.36 11.42 13.71
O5B NAD C . -13.86 9.10 14.39
C5B NAD C . -14.18 8.02 15.28
C4B NAD C . -15.56 7.61 14.85
O4B NAD C . -16.02 6.41 15.55
C3B NAD C . -16.61 8.71 15.11
O3B NAD C . -17.18 9.16 13.88
C2B NAD C . -17.60 8.01 16.04
O2B NAD C . -18.94 8.43 15.85
C1B NAD C . -17.41 6.55 15.58
N9A NAD C . -18.06 5.58 16.45
C8A NAD C . -17.79 5.37 17.78
N7A NAD C . -18.59 4.49 18.32
C5A NAD C . -19.47 4.11 17.31
C6A NAD C . -20.54 3.22 17.27
N6A NAD C . -20.97 2.53 18.32
N1A NAD C . -21.21 3.08 16.08
C2A NAD C . -20.78 3.78 15.02
N3A NAD C . -19.79 4.67 14.95
C4A NAD C . -19.15 4.80 16.14
O3 NAD C . -11.63 9.97 14.86
PN NAD C . -10.68 9.38 13.72
O1N NAD C . -9.29 9.55 14.20
O2N NAD C . -10.98 9.96 12.38
O5D NAD C . -11.15 7.85 13.82
C5D NAD C . -11.47 7.03 12.66
C4D NAD C . -10.64 5.76 12.72
O4D NAD C . -9.26 6.10 12.53
C3D NAD C . -10.68 5.01 14.05
O3D NAD C . -10.85 3.61 13.84
C2D NAD C . -9.31 5.30 14.67
O2D NAD C . -8.98 4.36 15.67
C1D NAD C . -8.47 5.29 13.40
N1N NAD C . -7.14 5.93 13.57
C2N NAD C . -7.01 7.27 13.96
C3N NAD C . -5.75 7.89 13.93
C7N NAD C . -5.51 9.34 14.35
O7N NAD C . -6.46 10.11 14.52
N7N NAD C . -4.25 9.72 14.52
C4N NAD C . -4.65 7.13 13.50
C5N NAD C . -4.81 5.81 13.16
C6N NAD C . -6.04 5.21 13.30
C1 TCL D . -5.04 6.38 17.15
C2 TCL D . -4.60 7.70 17.27
C6 TCL D . -6.40 6.12 17.18
C5 TCL D . -7.32 7.19 17.29
C4 TCL D . -6.85 8.49 17.39
C3 TCL D . -5.49 8.75 17.38
C11 TCL D . -10.47 5.98 20.99
C10 TCL D . -11.21 6.01 19.83
C9 TCL D . -10.58 6.30 18.65
C8 TCL D . -9.21 6.55 18.59
C12 TCL D . -9.10 6.19 20.97
C13 TCL D . -8.47 6.49 19.76
O7 TCL D . -8.66 6.86 17.34
CL14 TCL D . -2.88 8.01 17.30
CL15 TCL D . -11.28 5.64 22.51
CL16 TCL D . -11.50 6.40 17.19
O17 TCL D . -6.90 4.86 17.11
CA CA E . 2.24 -2.90 3.94
PA NAD F . 12.87 -9.82 -15.54
O1A NAD F . 13.78 -10.91 -15.97
O2A NAD F . 11.94 -9.16 -16.51
O5B NAD F . 13.66 -8.63 -14.83
C5B NAD F . 14.96 -8.67 -14.18
C4B NAD F . 15.66 -7.51 -14.78
O4B NAD F . 16.93 -7.28 -14.13
C3B NAD F . 15.96 -7.67 -16.29
O3B NAD F . 15.35 -6.61 -17.02
C2B NAD F . 17.48 -7.70 -16.35
O2B NAD F . 17.97 -7.07 -17.51
C1B NAD F . 17.79 -6.82 -15.15
N9A NAD F . 19.18 -6.82 -14.74
C8A NAD F . 19.94 -7.88 -14.31
N7A NAD F . 21.19 -7.52 -14.05
C5A NAD F . 21.25 -6.16 -14.37
C6A NAD F . 22.28 -5.21 -14.32
N6A NAD F . 23.52 -5.49 -13.93
N1A NAD F . 22.00 -3.94 -14.72
C2A NAD F . 20.74 -3.67 -15.10
N3A NAD F . 19.69 -4.47 -15.18
C4A NAD F . 20.02 -5.72 -14.80
O3 NAD F . 12.02 -10.35 -14.28
PN NAD F . 11.01 -9.67 -13.24
O1N NAD F . 10.35 -10.84 -12.59
O2N NAD F . 10.13 -8.63 -13.87
O5D NAD F . 12.03 -8.94 -12.21
C5D NAD F . 11.94 -7.52 -11.93
C4D NAD F . 12.12 -7.26 -10.47
O4D NAD F . 10.94 -7.73 -9.75
C3D NAD F . 13.32 -7.95 -9.80
O3D NAD F . 13.84 -7.18 -8.72
C2D NAD F . 12.65 -9.22 -9.25
O2D NAD F . 13.41 -9.91 -8.26
C1D NAD F . 11.36 -8.60 -8.71
N1N NAD F . 10.28 -9.62 -8.40
C2N NAD F . 9.85 -10.57 -9.33
C3N NAD F . 8.81 -11.46 -8.99
C7N NAD F . 8.23 -12.45 -9.97
O7N NAD F . 8.46 -12.36 -11.18
N7N NAD F . 7.44 -13.38 -9.49
C4N NAD F . 8.24 -11.36 -7.71
C5N NAD F . 8.58 -10.30 -6.90
C6N NAD F . 9.78 -9.67 -7.13
C1 TCL G . 10.98 -13.68 -7.26
C2 TCL G . 10.23 -14.52 -8.03
C6 TCL G . 12.00 -12.98 -7.85
C5 TCL G . 12.23 -13.12 -9.24
C4 TCL G . 11.45 -13.96 -10.00
C3 TCL G . 10.44 -14.68 -9.38
C11 TCL G . 17.01 -13.99 -10.17
C10 TCL G . 16.73 -12.77 -10.75
C9 TCL G . 15.46 -12.28 -10.61
C8 TCL G . 14.49 -12.97 -9.91
C12 TCL G . 16.08 -14.69 -9.46
C13 TCL G . 14.81 -14.16 -9.31
O7 TCL G . 13.24 -12.39 -9.85
CL14 TCL G . 8.94 -15.38 -7.25
CL15 TCL G . 18.61 -14.67 -10.31
CL16 TCL G . 15.00 -10.78 -11.32
O17 TCL G . 12.74 -12.17 -7.03
#